data_7GTK
#
_entry.id   7GTK
#
_cell.length_a   89.973
_cell.length_b   89.973
_cell.length_c   106.636
_cell.angle_alpha   90.000
_cell.angle_beta   90.000
_cell.angle_gamma   120.000
#
_symmetry.space_group_name_H-M   'P 31 2 1'
#
loop_
_entity.id
_entity.type
_entity.pdbx_description
1 polymer 'Tyrosine-protein phosphatase non-receptor type 1'
2 non-polymer 2-AMINO-2-HYDROXYMETHYL-PROPANE-1,3-DIOL
3 non-polymer (4R)-2-(2-hydroxyethyl)-4-methoxy-3,4-dihydro-1lambda~6~,2-benzothiazine-1,1(2H)-dione
4 water water
#
_entity_poly.entity_id   1
_entity_poly.type   'polypeptide(L)'
_entity_poly.pdbx_seq_one_letter_code
;MEMEKEFEQIDKSGSWAAIYQDIRHEASDFPSRVAKLPKNKNRNRYRDVSPFDHSRIKLHQEDNDYINASLIKMEEAQRS
YILTQGPLPNTVGHFWEMVWEQKSRGVVMLNRVMEKGSLKCAQYWPQKEEKEMIFEDTNLKLTLISEDIKSYYTVRQLEL
ENLTTQETREILHFHYTTWPDFGVPESPASFLNFLFKVRESGSLSPEHGPVVVHCSAGIGRSGTFCLADTCLLLMDKRKD
PSSVDIKKVLLEMRKFRMGLIQTADQLRFSYLAVIEGAKFIMGDSSVQDQWKELSHEDLEPPPEHIPPPPRPPKRILEPH
N
;
_entity_poly.pdbx_strand_id   A
#
loop_
_chem_comp.id
_chem_comp.type
_chem_comp.name
_chem_comp.formula
A1ABX non-polymer (4R)-2-(2-hydroxyethyl)-4-methoxy-3,4-dihydro-1lambda~6~,2-benzothiazine-1,1(2H)-dione 'C11 H15 N O4 S'
TRS non-polymer 2-AMINO-2-HYDROXYMETHYL-PROPANE-1,3-DIOL 'C4 H12 N O3 1'
#
# COMPACT_ATOMS: atom_id res chain seq x y z
N MET A 1 -12.13 -5.34 -24.16
CA MET A 1 -10.94 -5.41 -25.05
C MET A 1 -9.75 -5.97 -24.27
N GLU A 2 -9.28 -7.18 -24.62
CA GLU A 2 -8.03 -7.78 -24.08
C GLU A 2 -7.04 -6.63 -23.82
N MET A 3 -6.59 -6.50 -22.57
CA MET A 3 -5.73 -5.37 -22.13
C MET A 3 -4.39 -5.40 -22.86
N GLU A 4 -3.87 -6.57 -23.24
CA GLU A 4 -2.59 -6.78 -23.96
C GLU A 4 -2.61 -6.11 -25.34
N LYS A 5 -3.80 -6.00 -25.95
CA LYS A 5 -3.99 -5.36 -27.27
C LYS A 5 -4.20 -3.87 -27.03
N GLU A 6 -5.01 -3.53 -26.02
CA GLU A 6 -5.18 -2.13 -25.56
C GLU A 6 -3.78 -1.56 -25.25
N PHE A 7 -2.87 -2.37 -24.70
CA PHE A 7 -1.50 -1.96 -24.28
C PHE A 7 -0.67 -1.57 -25.52
N GLU A 8 -0.58 -2.49 -26.48
CA GLU A 8 0.20 -2.31 -27.74
C GLU A 8 -0.34 -1.10 -28.51
N GLN A 9 -1.67 -0.93 -28.56
CA GLN A 9 -2.37 0.22 -29.20
C GLN A 9 -1.98 1.54 -28.53
N ILE A 10 -1.92 1.61 -27.19
CA ILE A 10 -1.51 2.86 -26.48
C ILE A 10 -0.01 3.09 -26.73
N ASP A 11 0.82 2.02 -26.72
CA ASP A 11 2.30 2.12 -26.84
C ASP A 11 2.64 2.59 -28.26
N LYS A 12 2.04 1.99 -29.28
CA LYS A 12 2.34 2.36 -30.68
C LYS A 12 1.89 3.81 -30.91
N SER A 13 0.78 4.22 -30.30
CA SER A 13 0.24 5.60 -30.46
C SER A 13 0.90 6.59 -29.50
N GLY A 14 1.71 6.11 -28.54
CA GLY A 14 2.32 6.93 -27.48
C GLY A 14 1.30 7.84 -26.81
N SER A 15 0.18 7.30 -26.32
CA SER A 15 -0.91 8.10 -25.70
C SER A 15 -1.01 7.88 -24.17
N TRP A 16 0.05 7.42 -23.49
CA TRP A 16 -0.06 7.11 -22.03
C TRP A 16 -0.48 8.38 -21.27
N ALA A 17 0.14 9.52 -21.58
CA ALA A 17 -0.15 10.81 -20.91
C ALA A 17 -1.65 11.15 -21.07
N ALA A 18 -2.21 10.83 -22.23
CA ALA A 18 -3.62 11.17 -22.55
C ALA A 18 -4.58 10.27 -21.75
N ILE A 19 -4.35 8.95 -21.75
CA ILE A 19 -5.13 7.97 -20.93
C ILE A 19 -5.09 8.44 -19.46
N TYR A 20 -3.90 8.75 -18.95
CA TYR A 20 -3.68 9.08 -17.50
C TYR A 20 -4.50 10.33 -17.16
N GLN A 21 -4.44 11.37 -18.00
CA GLN A 21 -5.17 12.61 -17.69
C GLN A 21 -6.68 12.34 -17.67
N ASP A 22 -7.19 11.49 -18.56
CA ASP A 22 -8.62 11.06 -18.59
C ASP A 22 -9.04 10.46 -17.22
N ILE A 23 -8.18 9.62 -16.64
CA ILE A 23 -8.43 9.05 -15.29
C ILE A 23 -8.47 10.19 -14.26
N ARG A 24 -7.49 11.10 -14.31
CA ARG A 24 -7.40 12.22 -13.33
C ARG A 24 -8.70 13.04 -13.39
N HIS A 25 -9.22 13.24 -14.59
CA HIS A 25 -10.44 14.07 -14.83
C HIS A 25 -11.70 13.39 -14.26
N GLU A 26 -11.85 12.08 -14.44
CA GLU A 26 -13.06 11.29 -14.03
C GLU A 26 -13.00 10.85 -12.56
N ALA A 27 -11.87 11.02 -11.85
CA ALA A 27 -11.69 10.49 -10.49
C ALA A 27 -12.64 11.19 -9.53
N SER A 28 -13.05 10.49 -8.47
CA SER A 28 -13.94 10.99 -7.39
C SER A 28 -13.31 12.16 -6.64
N ASP A 29 -14.15 13.06 -6.14
CA ASP A 29 -13.75 14.16 -5.24
C ASP A 29 -14.72 14.14 -4.07
N PHE A 30 -14.23 13.77 -2.90
CA PHE A 30 -14.99 13.67 -1.65
C PHE A 30 -14.31 14.61 -0.66
N PRO A 31 -15.01 15.07 0.37
CA PRO A 31 -14.42 15.89 1.40
C PRO A 31 -13.35 15.17 2.27
N SER A 32 -12.32 15.93 2.64
CA SER A 32 -11.25 15.54 3.61
C SER A 32 -11.17 16.57 4.74
N ARG A 33 -12.28 16.90 5.39
CA ARG A 33 -12.33 18.01 6.38
C ARG A 33 -11.53 17.67 7.63
N VAL A 34 -11.57 16.43 8.12
CA VAL A 34 -10.80 16.08 9.35
C VAL A 34 -9.28 16.28 9.09
N ALA A 35 -8.74 15.84 7.94
CA ALA A 35 -7.30 15.94 7.57
C ALA A 35 -6.85 17.41 7.61
N LYS A 36 -7.76 18.36 7.31
CA LYS A 36 -7.37 19.79 7.14
C LYS A 36 -7.53 20.57 8.45
N LEU A 37 -8.02 19.97 9.54
CA LEU A 37 -8.13 20.70 10.84
C LEU A 37 -6.73 21.13 11.30
N PRO A 38 -6.59 22.37 11.85
CA PRO A 38 -5.30 22.85 12.29
C PRO A 38 -4.60 21.92 13.30
N LYS A 39 -5.32 21.25 14.20
CA LYS A 39 -4.72 20.31 15.18
C LYS A 39 -4.02 19.15 14.45
N ASN A 40 -4.23 18.94 13.15
CA ASN A 40 -3.71 17.71 12.47
C ASN A 40 -2.57 18.05 11.52
N LYS A 41 -2.11 19.30 11.50
CA LYS A 41 -1.12 19.72 10.51
C LYS A 41 0.18 18.88 10.62
N ASN A 42 0.63 18.57 11.81
CA ASN A 42 1.90 17.81 11.93
C ASN A 42 1.64 16.29 11.79
N ARG A 43 0.44 15.84 11.41
CA ARG A 43 0.11 14.40 11.19
C ARG A 43 0.08 14.11 9.69
N ASN A 44 0.31 15.10 8.84
CA ASN A 44 0.29 14.96 7.37
C ASN A 44 1.68 15.22 6.81
N ARG A 45 2.19 14.31 6.00
CA ARG A 45 3.48 14.49 5.37
C ARG A 45 3.39 15.51 4.24
N TYR A 46 2.33 15.45 3.43
CA TYR A 46 2.17 16.27 2.21
C TYR A 46 0.80 16.98 2.27
N ARG A 47 0.84 18.30 2.07
CA ARG A 47 -0.35 19.16 2.14
C ARG A 47 -1.43 18.72 1.12
N ASP A 48 -1.04 18.16 -0.02
CA ASP A 48 -1.96 17.81 -1.14
C ASP A 48 -2.36 16.31 -1.12
N VAL A 49 -2.00 15.53 -0.10
CA VAL A 49 -2.42 14.09 -0.01
C VAL A 49 -3.10 13.85 1.33
N SER A 50 -4.42 13.68 1.31
CA SER A 50 -5.29 13.51 2.47
C SER A 50 -6.26 12.36 2.26
N PRO A 51 -6.63 11.68 3.36
CA PRO A 51 -7.67 10.66 3.32
C PRO A 51 -9.07 11.34 3.25
N PHE A 52 -9.97 10.78 2.44
CA PHE A 52 -11.40 11.20 2.49
C PHE A 52 -11.97 10.89 3.85
N ASP A 53 -12.88 11.75 4.32
CA ASP A 53 -13.60 11.51 5.59
C ASP A 53 -14.34 10.17 5.58
N HIS A 54 -14.98 9.78 4.47
CA HIS A 54 -15.92 8.63 4.51
C HIS A 54 -15.15 7.30 4.68
N SER A 55 -13.88 7.26 4.28
CA SER A 55 -13.07 6.00 4.22
C SER A 55 -11.83 6.08 5.13
N ARG A 56 -11.67 7.16 5.91
CA ARG A 56 -10.42 7.25 6.75
C ARG A 56 -10.44 6.22 7.87
N ILE A 57 -9.24 5.70 8.26
CA ILE A 57 -9.11 4.88 9.47
C ILE A 57 -9.12 5.77 10.71
N LYS A 58 -10.02 5.46 11.65
CA LYS A 58 -10.07 6.10 12.98
C LYS A 58 -9.23 5.36 14.03
N LEU A 59 -8.35 6.10 14.72
CA LEU A 59 -7.69 5.59 15.93
C LEU A 59 -8.73 5.46 17.07
N HIS A 60 -8.60 4.45 17.92
CA HIS A 60 -9.51 4.16 19.08
C HIS A 60 -9.02 4.99 20.26
N GLN A 61 -9.14 6.31 20.19
CA GLN A 61 -8.85 7.21 21.33
C GLN A 61 -9.69 8.48 21.22
N GLU A 62 -10.08 8.99 22.38
CA GLU A 62 -11.05 10.12 22.50
C GLU A 62 -10.33 11.44 22.21
N ASP A 63 -9.05 11.54 22.59
CA ASP A 63 -8.17 12.73 22.39
C ASP A 63 -8.27 13.19 20.92
N ASN A 64 -7.62 12.45 20.01
CA ASN A 64 -7.56 12.81 18.58
C ASN A 64 -7.50 11.49 17.80
N ASP A 65 -8.51 11.19 17.00
CA ASP A 65 -8.63 9.87 16.30
C ASP A 65 -7.98 9.91 14.92
N TYR A 66 -7.24 10.94 14.57
CA TYR A 66 -6.80 11.13 13.17
C TYR A 66 -5.44 10.44 12.86
N ILE A 67 -5.41 9.76 11.71
CA ILE A 67 -4.18 9.27 11.02
C ILE A 67 -4.39 9.40 9.52
N ASN A 68 -3.35 9.74 8.77
CA ASN A 68 -3.39 9.79 7.31
C ASN A 68 -3.36 8.36 6.74
N ALA A 69 -4.52 7.72 6.64
CA ALA A 69 -4.72 6.31 6.23
C ALA A 69 -6.18 6.09 5.75
N SER A 70 -6.36 5.25 4.75
CA SER A 70 -7.67 5.00 4.09
C SER A 70 -7.94 3.50 3.97
N LEU A 71 -9.22 3.10 4.11
CA LEU A 71 -9.62 1.69 3.89
C LEU A 71 -10.11 1.53 2.48
N ILE A 72 -9.44 0.74 1.64
CA ILE A 72 -9.85 0.45 0.24
C ILE A 72 -10.57 -0.94 0.30
N LYS A 73 -11.89 -0.99 0.09
CA LYS A 73 -12.67 -2.26 0.18
C LYS A 73 -13.19 -2.71 -1.20
N MET A 74 -12.80 -3.90 -1.66
CA MET A 74 -13.30 -4.48 -2.94
C MET A 74 -14.20 -5.71 -2.66
N GLU A 75 -15.47 -5.68 -3.07
CA GLU A 75 -16.45 -6.76 -2.73
C GLU A 75 -16.20 -8.02 -3.55
N GLU A 76 -16.21 -7.92 -4.88
CA GLU A 76 -16.09 -9.09 -5.80
C GLU A 76 -14.79 -9.83 -5.49
N ALA A 77 -13.64 -9.15 -5.67
CA ALA A 77 -12.29 -9.69 -5.36
C ALA A 77 -12.24 -10.21 -3.93
N GLN A 78 -13.13 -9.72 -3.05
CA GLN A 78 -13.13 -10.03 -1.60
C GLN A 78 -11.80 -9.59 -0.98
N ARG A 79 -11.30 -8.38 -1.27
CA ARG A 79 -10.01 -7.95 -0.65
C ARG A 79 -10.17 -6.58 -0.05
N SER A 80 -9.53 -6.34 1.08
CA SER A 80 -9.43 -4.97 1.67
C SER A 80 -7.95 -4.62 1.90
N TYR A 81 -7.62 -3.33 1.78
CA TYR A 81 -6.23 -2.83 2.02
C TYR A 81 -6.34 -1.55 2.82
N ILE A 82 -5.39 -1.30 3.72
CA ILE A 82 -5.23 0.06 4.30
C ILE A 82 -4.03 0.68 3.58
N LEU A 83 -4.23 1.81 2.91
CA LEU A 83 -3.12 2.59 2.30
C LEU A 83 -2.81 3.80 3.20
N THR A 84 -1.52 3.98 3.56
CA THR A 84 -1.11 5.07 4.48
C THR A 84 0.20 5.70 3.99
N GLN A 85 0.49 6.88 4.48
CA GLN A 85 1.77 7.60 4.23
C GLN A 85 2.87 6.85 5.00
N GLY A 86 4.13 7.07 4.62
CA GLY A 86 5.26 6.70 5.49
C GLY A 86 5.15 7.45 6.81
N PRO A 87 5.26 6.77 7.97
CA PRO A 87 5.12 7.44 9.24
C PRO A 87 6.15 8.57 9.45
N LEU A 88 5.69 9.57 10.20
CA LEU A 88 6.45 10.78 10.58
C LEU A 88 6.99 10.55 12.00
N PRO A 89 8.01 11.37 12.40
CA PRO A 89 8.56 11.26 13.74
C PRO A 89 7.47 11.34 14.80
N ASN A 90 6.47 12.21 14.60
CA ASN A 90 5.43 12.26 15.65
C ASN A 90 4.23 11.32 15.38
N THR A 91 4.22 10.48 14.35
CA THR A 91 3.10 9.50 14.13
C THR A 91 3.55 8.04 14.13
N VAL A 92 4.78 7.70 14.59
CA VAL A 92 5.19 6.27 14.60
C VAL A 92 4.33 5.51 15.62
N GLY A 93 4.00 6.12 16.77
CA GLY A 93 3.13 5.49 17.77
C GLY A 93 1.71 5.27 17.23
N HIS A 94 1.16 6.28 16.53
CA HIS A 94 -0.20 6.16 15.88
C HIS A 94 -0.18 5.00 14.88
N PHE A 95 0.88 4.90 14.08
CA PHE A 95 1.03 3.85 13.03
C PHE A 95 0.83 2.46 13.68
N TRP A 96 1.60 2.15 14.75
CA TRP A 96 1.54 0.81 15.36
C TRP A 96 0.19 0.61 16.13
N GLU A 97 -0.38 1.67 16.67
CA GLU A 97 -1.74 1.64 17.27
C GLU A 97 -2.76 1.16 16.22
N MET A 98 -2.68 1.68 15.00
CA MET A 98 -3.56 1.30 13.87
C MET A 98 -3.37 -0.18 13.54
N VAL A 99 -2.11 -0.63 13.36
CA VAL A 99 -1.85 -2.06 13.05
C VAL A 99 -2.51 -2.95 14.11
N TRP A 100 -2.37 -2.57 15.39
CA TRP A 100 -2.92 -3.30 16.55
C TRP A 100 -4.45 -3.34 16.46
N GLU A 101 -5.05 -2.15 16.35
CA GLU A 101 -6.54 -2.01 16.43
C GLU A 101 -7.22 -2.66 15.23
N GLN A 102 -6.62 -2.63 14.04
CA GLN A 102 -7.24 -3.19 12.82
C GLN A 102 -6.94 -4.67 12.63
N LYS A 103 -6.13 -5.30 13.50
CA LYS A 103 -5.79 -6.75 13.49
C LYS A 103 -5.00 -7.19 12.26
N SER A 104 -4.22 -6.27 11.71
CA SER A 104 -3.38 -6.56 10.54
C SER A 104 -2.33 -7.63 10.87
N ARG A 105 -2.01 -8.47 9.90
CA ARG A 105 -0.92 -9.49 10.01
C ARG A 105 0.36 -9.00 9.33
N GLY A 106 0.24 -8.17 8.30
CA GLY A 106 1.35 -7.78 7.41
C GLY A 106 1.44 -6.27 7.26
N VAL A 107 2.65 -5.76 7.12
CA VAL A 107 2.96 -4.35 6.68
C VAL A 107 3.80 -4.48 5.42
N VAL A 108 3.40 -3.82 4.35
CA VAL A 108 4.10 -3.78 3.04
C VAL A 108 4.71 -2.37 2.84
N MET A 109 6.05 -2.30 2.74
CA MET A 109 6.82 -1.03 2.63
C MET A 109 7.48 -1.01 1.25
N LEU A 110 7.17 -0.02 0.39
CA LEU A 110 7.66 0.02 -0.98
C LEU A 110 8.75 1.11 -1.20
N ASN A 111 9.24 1.72 -0.14
CA ASN A 111 10.25 2.81 -0.25
C ASN A 111 11.46 2.47 0.66
N ARG A 112 12.57 3.21 0.44
CA ARG A 112 13.70 3.25 1.39
C ARG A 112 13.50 4.44 2.31
N VAL A 113 14.05 4.36 3.54
CA VAL A 113 14.00 5.45 4.52
C VAL A 113 14.64 6.74 3.93
N MET A 114 15.75 6.60 3.19
CA MET A 114 16.34 7.73 2.45
C MET A 114 16.30 7.44 0.94
N GLU A 115 15.77 8.39 0.15
CA GLU A 115 15.83 8.32 -1.34
C GLU A 115 16.13 9.72 -1.86
N LYS A 116 16.89 9.82 -2.96
CA LYS A 116 17.21 11.15 -3.54
C LYS A 116 17.85 12.08 -2.49
N GLY A 117 18.59 11.52 -1.52
CA GLY A 117 19.27 12.27 -0.45
C GLY A 117 18.39 12.93 0.60
N SER A 118 17.10 12.58 0.70
CA SER A 118 16.15 13.19 1.66
C SER A 118 15.40 12.09 2.42
N LEU A 119 14.88 12.39 3.59
CA LEU A 119 14.18 11.35 4.37
C LEU A 119 12.74 11.18 3.84
N LYS A 120 12.36 9.97 3.48
CA LYS A 120 11.02 9.65 2.93
C LYS A 120 10.09 9.02 3.97
N CYS A 121 10.61 8.50 5.10
CA CYS A 121 9.80 8.09 6.27
C CYS A 121 10.71 7.80 7.48
N ALA A 122 10.13 7.81 8.66
CA ALA A 122 10.84 7.61 9.94
C ALA A 122 11.38 6.16 9.97
N GLN A 123 12.45 5.94 10.75
CA GLN A 123 12.96 4.58 11.03
C GLN A 123 12.03 4.01 12.09
N TYR A 124 10.92 3.33 11.71
CA TYR A 124 9.78 3.06 12.61
C TYR A 124 9.77 1.61 13.13
N TRP A 125 10.81 0.82 12.80
CA TRP A 125 10.95 -0.58 13.30
C TRP A 125 12.40 -0.76 13.81
N PRO A 126 12.65 -1.69 14.78
CA PRO A 126 14.00 -1.92 15.31
C PRO A 126 14.92 -2.69 14.37
N GLN A 127 16.19 -2.30 14.37
CA GLN A 127 17.20 -2.84 13.43
C GLN A 127 18.02 -3.97 14.10
N LYS A 128 17.97 -4.04 15.41
CA LYS A 128 18.70 -5.08 16.18
C LYS A 128 17.78 -5.75 17.18
N GLU A 129 17.89 -7.07 17.28
CA GLU A 129 17.09 -7.92 18.21
C GLU A 129 17.14 -7.33 19.61
N GLU A 130 18.35 -7.03 20.11
CA GLU A 130 18.51 -6.64 21.54
C GLU A 130 18.20 -5.16 21.80
N LYS A 131 17.75 -4.40 20.78
CA LYS A 131 17.36 -2.97 20.98
C LYS A 131 15.89 -2.73 20.56
N GLU A 132 14.96 -3.13 21.41
CA GLU A 132 13.51 -3.02 21.12
C GLU A 132 13.11 -1.54 21.15
N MET A 133 11.91 -1.23 20.63
CA MET A 133 11.36 0.15 20.60
C MET A 133 10.13 0.15 21.48
N ILE A 134 10.01 1.19 22.29
CA ILE A 134 8.79 1.46 23.08
C ILE A 134 8.18 2.79 22.60
N PHE A 135 6.87 2.80 22.40
CA PHE A 135 6.05 3.93 21.90
C PHE A 135 5.20 4.37 23.10
N GLU A 136 5.65 5.36 23.86
CA GLU A 136 5.06 5.67 25.20
C GLU A 136 3.68 6.29 24.98
N ASP A 137 3.51 7.11 23.94
CA ASP A 137 2.20 7.77 23.67
C ASP A 137 1.08 6.72 23.44
N THR A 138 1.33 5.56 22.81
CA THR A 138 0.29 4.52 22.54
C THR A 138 0.45 3.23 23.39
N ASN A 139 1.48 3.15 24.23
CA ASN A 139 1.68 2.00 25.16
C ASN A 139 1.92 0.69 24.39
N LEU A 140 2.83 0.70 23.40
CA LEU A 140 3.19 -0.49 22.61
C LEU A 140 4.71 -0.75 22.68
N LYS A 141 5.08 -2.03 22.59
CA LYS A 141 6.49 -2.46 22.47
C LYS A 141 6.66 -3.28 21.21
N LEU A 142 7.74 -3.01 20.47
CA LEU A 142 8.02 -3.64 19.17
C LEU A 142 9.44 -4.23 19.22
N THR A 143 9.58 -5.51 18.92
CA THR A 143 10.88 -6.26 18.96
C THR A 143 11.16 -6.90 17.63
N LEU A 144 12.39 -6.78 17.14
CA LEU A 144 12.81 -7.54 15.94
C LEU A 144 13.10 -9.00 16.33
N ILE A 145 12.41 -9.96 15.68
CA ILE A 145 12.55 -11.42 15.96
C ILE A 145 13.53 -12.04 14.98
N SER A 146 13.44 -11.76 13.71
CA SER A 146 14.32 -12.33 12.66
C SER A 146 14.23 -11.46 11.43
N GLU A 147 15.22 -11.59 10.54
CA GLU A 147 15.31 -10.79 9.30
C GLU A 147 15.83 -11.74 8.21
N ASP A 148 15.24 -11.73 7.01
CA ASP A 148 15.69 -12.54 5.82
C ASP A 148 15.95 -11.57 4.68
N ILE A 149 17.22 -11.25 4.41
CA ILE A 149 17.60 -10.25 3.35
C ILE A 149 17.82 -10.95 2.01
N LYS A 150 17.06 -10.59 0.99
CA LYS A 150 17.18 -11.16 -0.36
C LYS A 150 17.62 -10.04 -1.27
N SER A 151 17.87 -10.36 -2.55
CA SER A 151 18.39 -9.38 -3.53
C SER A 151 17.40 -8.24 -3.78
N TYR A 152 16.08 -8.49 -3.83
CA TYR A 152 15.11 -7.46 -4.25
C TYR A 152 14.18 -7.03 -3.09
N TYR A 153 14.18 -7.75 -1.99
CA TYR A 153 13.31 -7.46 -0.82
C TYR A 153 13.85 -8.14 0.42
N THR A 154 13.43 -7.64 1.59
CA THR A 154 13.71 -8.17 2.94
C THR A 154 12.39 -8.51 3.62
N VAL A 155 12.31 -9.65 4.29
CA VAL A 155 11.17 -10.00 5.16
C VAL A 155 11.62 -10.06 6.61
N ARG A 156 10.92 -9.36 7.47
CA ARG A 156 11.17 -9.34 8.92
C ARG A 156 10.00 -9.92 9.71
N GLN A 157 10.31 -10.69 10.74
CA GLN A 157 9.35 -11.08 11.78
C GLN A 157 9.48 -10.12 12.95
N LEU A 158 8.36 -9.46 13.35
CA LEU A 158 8.29 -8.49 14.45
C LEU A 158 7.31 -8.99 15.50
N GLU A 159 7.56 -8.68 16.76
CA GLU A 159 6.61 -8.96 17.86
C GLU A 159 6.05 -7.64 18.37
N LEU A 160 4.72 -7.47 18.28
CA LEU A 160 4.07 -6.25 18.83
C LEU A 160 3.33 -6.63 20.12
N GLU A 161 3.64 -5.94 21.21
CA GLU A 161 3.02 -6.16 22.53
C GLU A 161 2.19 -4.94 22.92
N ASN A 162 0.93 -5.19 23.24
CA ASN A 162 0.05 -4.19 23.88
C ASN A 162 0.39 -4.16 25.37
N LEU A 163 1.11 -3.12 25.83
CA LEU A 163 1.72 -3.09 27.20
C LEU A 163 0.58 -2.99 28.22
N THR A 164 -0.60 -2.56 27.76
CA THR A 164 -1.80 -2.41 28.61
C THR A 164 -2.32 -3.78 29.07
N THR A 165 -2.31 -4.79 28.19
CA THR A 165 -2.95 -6.12 28.41
C THR A 165 -1.92 -7.26 28.39
N GLN A 166 -0.70 -6.97 27.93
CA GLN A 166 0.39 -7.96 27.78
C GLN A 166 0.03 -8.98 26.70
N GLU A 167 -0.96 -8.74 25.84
CA GLU A 167 -1.12 -9.57 24.62
C GLU A 167 0.01 -9.23 23.64
N THR A 168 0.45 -10.23 22.89
CA THR A 168 1.46 -10.11 21.81
C THR A 168 0.89 -10.69 20.52
N ARG A 169 1.41 -10.23 19.38
CA ARG A 169 1.10 -10.77 18.05
C ARG A 169 2.36 -10.71 17.21
N GLU A 170 2.47 -11.65 16.29
CA GLU A 170 3.51 -11.67 15.25
C GLU A 170 3.04 -10.81 14.07
N ILE A 171 3.80 -9.79 13.70
CA ILE A 171 3.59 -8.98 12.45
C ILE A 171 4.69 -9.30 11.44
N LEU A 172 4.35 -9.52 10.19
CA LEU A 172 5.35 -9.72 9.13
C LEU A 172 5.56 -8.40 8.37
N HIS A 173 6.80 -7.98 8.24
CA HIS A 173 7.22 -6.75 7.50
C HIS A 173 7.81 -7.13 6.16
N PHE A 174 7.13 -6.81 5.05
CA PHE A 174 7.57 -7.07 3.67
C PHE A 174 8.10 -5.77 3.07
N HIS A 175 9.44 -5.71 2.89
CA HIS A 175 10.15 -4.48 2.47
C HIS A 175 10.73 -4.65 1.09
N TYR A 176 10.10 -4.06 0.07
CA TYR A 176 10.62 -4.01 -1.30
C TYR A 176 11.67 -2.90 -1.37
N THR A 177 12.94 -3.28 -1.57
CA THR A 177 14.09 -2.37 -1.34
C THR A 177 14.71 -1.82 -2.65
N THR A 178 14.23 -2.21 -3.83
CA THR A 178 14.92 -1.94 -5.12
C THR A 178 14.06 -1.12 -6.09
N TRP A 179 12.97 -0.47 -5.66
CA TRP A 179 12.27 0.47 -6.58
C TRP A 179 13.24 1.63 -6.86
N PRO A 180 13.50 1.99 -8.13
CA PRO A 180 14.48 3.04 -8.44
C PRO A 180 14.08 4.44 -7.95
N ASP A 181 15.08 5.27 -7.59
CA ASP A 181 14.85 6.66 -7.11
C ASP A 181 14.03 7.43 -8.16
N PHE A 182 14.27 7.25 -9.47
CA PHE A 182 13.49 7.87 -10.58
C PHE A 182 12.82 6.80 -11.48
N GLY A 183 11.63 7.10 -11.99
CA GLY A 183 10.93 6.17 -12.89
C GLY A 183 10.37 4.91 -12.21
N VAL A 184 10.21 3.83 -12.98
CA VAL A 184 9.57 2.55 -12.56
C VAL A 184 10.53 1.45 -12.96
N PRO A 185 10.45 0.23 -12.36
CA PRO A 185 11.34 -0.86 -12.79
C PRO A 185 11.15 -1.21 -14.28
N GLU A 186 12.25 -1.61 -14.94
CA GLU A 186 12.23 -1.96 -16.38
C GLU A 186 11.38 -3.22 -16.62
N SER A 187 11.49 -4.23 -15.76
CA SER A 187 10.69 -5.48 -15.80
C SER A 187 9.87 -5.58 -14.51
N PRO A 188 8.65 -6.15 -14.58
CA PRO A 188 7.81 -6.31 -13.39
C PRO A 188 8.07 -7.63 -12.69
N ALA A 189 9.06 -8.41 -13.17
CA ALA A 189 9.31 -9.76 -12.62
C ALA A 189 9.59 -9.69 -11.13
N SER A 190 10.43 -8.77 -10.64
CA SER A 190 10.78 -8.81 -9.20
C SER A 190 9.60 -8.27 -8.37
N PHE A 191 8.84 -7.32 -8.87
CA PHE A 191 7.64 -6.78 -8.16
C PHE A 191 6.56 -7.89 -8.01
N LEU A 192 6.30 -8.67 -9.05
CA LEU A 192 5.33 -9.82 -9.02
C LEU A 192 5.85 -10.91 -8.08
N ASN A 193 7.14 -11.28 -8.16
CA ASN A 193 7.72 -12.23 -7.16
C ASN A 193 7.40 -11.76 -5.74
N PHE A 194 7.58 -10.46 -5.47
CA PHE A 194 7.35 -9.89 -4.12
C PHE A 194 5.85 -10.01 -3.76
N LEU A 195 4.98 -9.61 -4.68
CA LEU A 195 3.49 -9.71 -4.46
C LEU A 195 3.13 -11.16 -4.04
N PHE A 196 3.67 -12.16 -4.75
CA PHE A 196 3.38 -13.59 -4.50
C PHE A 196 3.91 -14.01 -3.13
N LYS A 197 5.04 -13.45 -2.67
CA LYS A 197 5.54 -13.72 -1.28
C LYS A 197 4.62 -13.16 -0.22
N VAL A 198 4.07 -11.95 -0.43
CA VAL A 198 3.10 -11.39 0.53
C VAL A 198 1.84 -12.30 0.58
N ARG A 199 1.34 -12.71 -0.59
CA ARG A 199 0.13 -13.58 -0.71
C ARG A 199 0.37 -14.88 0.07
N GLU A 200 1.52 -15.51 -0.17
CA GLU A 200 1.87 -16.83 0.42
C GLU A 200 1.89 -16.76 1.94
N SER A 201 2.21 -15.62 2.54
CA SER A 201 2.29 -15.42 4.00
C SER A 201 0.93 -15.48 4.71
N GLY A 202 -0.20 -15.34 4.02
CA GLY A 202 -1.51 -15.18 4.69
C GLY A 202 -1.88 -13.72 4.96
N SER A 203 -0.99 -12.76 4.71
CA SER A 203 -1.18 -11.34 5.13
C SER A 203 -2.38 -10.71 4.40
N LEU A 204 -2.77 -11.25 3.24
CA LEU A 204 -3.86 -10.63 2.39
C LEU A 204 -5.18 -11.38 2.57
N SER A 205 -5.18 -12.38 3.44
CA SER A 205 -6.32 -13.33 3.53
C SER A 205 -7.38 -12.84 4.51
N PRO A 206 -8.65 -13.26 4.30
CA PRO A 206 -9.76 -12.73 5.11
C PRO A 206 -9.79 -13.18 6.56
N GLU A 207 -8.94 -14.11 6.97
CA GLU A 207 -8.88 -14.44 8.40
C GLU A 207 -8.13 -13.36 9.20
N HIS A 208 -7.46 -12.41 8.57
CA HIS A 208 -6.74 -11.30 9.25
C HIS A 208 -7.45 -9.97 8.94
N GLY A 209 -7.14 -8.94 9.73
CA GLY A 209 -7.40 -7.55 9.34
C GLY A 209 -6.71 -7.19 8.03
N PRO A 210 -7.06 -6.01 7.42
CA PRO A 210 -6.46 -5.61 6.16
C PRO A 210 -4.93 -5.41 6.33
N VAL A 211 -4.19 -5.85 5.32
CA VAL A 211 -2.77 -5.50 5.11
C VAL A 211 -2.62 -3.95 5.20
N VAL A 212 -1.54 -3.48 5.84
CA VAL A 212 -1.16 -2.03 5.80
C VAL A 212 -0.13 -1.84 4.72
N VAL A 213 -0.39 -0.99 3.71
CA VAL A 213 0.56 -0.73 2.62
C VAL A 213 0.99 0.73 2.58
N HIS A 214 2.30 1.00 2.50
CA HIS A 214 2.78 2.40 2.39
C HIS A 214 3.99 2.57 1.48
N CYS A 215 4.14 3.82 1.02
CA CYS A 215 5.40 4.30 0.39
C CYS A 215 5.74 5.62 1.07
N SER A 216 6.12 6.68 0.36
CA SER A 216 6.25 7.98 1.06
C SER A 216 4.87 8.64 1.25
N ALA A 217 4.12 8.89 0.17
CA ALA A 217 2.77 9.52 0.25
C ALA A 217 1.65 8.48 0.42
N GLY A 218 1.89 7.21 0.12
CA GLY A 218 0.85 6.16 0.16
C GLY A 218 -0.17 6.25 -0.99
N ILE A 219 0.24 6.67 -2.18
CA ILE A 219 -0.71 6.71 -3.34
C ILE A 219 -0.07 6.15 -4.61
N GLY A 220 1.24 6.31 -4.82
CA GLY A 220 1.88 5.95 -6.09
C GLY A 220 2.30 4.48 -6.18
N ARG A 221 3.48 4.13 -5.64
CA ARG A 221 3.88 2.70 -5.55
C ARG A 221 2.79 1.89 -4.82
N SER A 222 2.23 2.41 -3.75
CA SER A 222 1.17 1.75 -2.94
C SER A 222 -0.03 1.45 -3.83
N GLY A 223 -0.43 2.41 -4.67
CA GLY A 223 -1.51 2.25 -5.67
C GLY A 223 -1.21 1.12 -6.63
N THR A 224 0.03 0.99 -7.06
CA THR A 224 0.44 -0.02 -8.04
C THR A 224 0.29 -1.42 -7.46
N PHE A 225 0.69 -1.58 -6.20
CA PHE A 225 0.61 -2.87 -5.49
C PHE A 225 -0.86 -3.34 -5.39
N CYS A 226 -1.78 -2.51 -4.87
CA CYS A 226 -3.18 -3.00 -4.68
C CYS A 226 -3.90 -3.17 -6.02
N LEU A 227 -3.65 -2.32 -7.00
CA LEU A 227 -4.26 -2.41 -8.34
C LEU A 227 -3.84 -3.73 -9.00
N ALA A 228 -2.56 -4.05 -8.98
CA ALA A 228 -2.10 -5.31 -9.60
C ALA A 228 -2.73 -6.51 -8.88
N ASP A 229 -2.69 -6.55 -7.55
CA ASP A 229 -3.24 -7.68 -6.76
C ASP A 229 -4.75 -7.90 -7.10
N THR A 230 -5.56 -6.84 -7.03
CA THR A 230 -7.03 -6.93 -7.26
C THR A 230 -7.28 -7.39 -8.71
N CYS A 231 -6.60 -6.85 -9.69
CA CYS A 231 -6.86 -7.19 -11.14
C CYS A 231 -6.56 -8.69 -11.37
N LEU A 232 -5.46 -9.20 -10.82
CA LEU A 232 -5.10 -10.64 -10.96
C LEU A 232 -6.12 -11.51 -10.23
N LEU A 233 -6.64 -11.10 -9.08
CA LEU A 233 -7.64 -11.91 -8.33
C LEU A 233 -8.94 -11.94 -9.16
N LEU A 234 -9.35 -10.81 -9.76
CA LEU A 234 -10.58 -10.80 -10.60
C LEU A 234 -10.41 -11.70 -11.84
N MET A 235 -9.21 -11.77 -12.43
CA MET A 235 -8.98 -12.63 -13.62
C MET A 235 -9.10 -14.11 -13.23
N ASP A 236 -8.80 -14.46 -11.99
CA ASP A 236 -8.94 -15.83 -11.41
C ASP A 236 -10.42 -16.22 -11.17
N LYS A 237 -11.23 -15.30 -10.64
CA LYS A 237 -12.58 -15.63 -10.12
C LYS A 237 -13.58 -15.69 -11.28
N ARG A 238 -13.33 -15.01 -12.39
CA ARG A 238 -14.34 -14.78 -13.46
C ARG A 238 -14.24 -15.84 -14.57
N LYS A 239 -15.35 -16.10 -15.27
CA LYS A 239 -15.42 -17.06 -16.41
C LYS A 239 -14.65 -16.47 -17.60
N ASP A 240 -14.73 -15.15 -17.79
CA ASP A 240 -14.06 -14.47 -18.93
C ASP A 240 -12.97 -13.55 -18.38
N PRO A 241 -11.74 -14.07 -18.13
CA PRO A 241 -10.60 -13.22 -17.76
C PRO A 241 -10.56 -11.87 -18.49
N SER A 242 -10.84 -11.89 -19.80
CA SER A 242 -10.77 -10.71 -20.70
C SER A 242 -11.72 -9.59 -20.24
N SER A 243 -12.67 -9.89 -19.36
CA SER A 243 -13.70 -8.94 -18.86
C SER A 243 -13.09 -7.87 -17.95
N VAL A 244 -11.83 -8.04 -17.51
CA VAL A 244 -11.20 -7.17 -16.47
C VAL A 244 -10.69 -5.88 -17.12
N ASP A 245 -11.11 -4.72 -16.61
CA ASP A 245 -10.78 -3.39 -17.17
C ASP A 245 -9.97 -2.62 -16.12
N ILE A 246 -8.67 -2.55 -16.32
CA ILE A 246 -7.74 -2.02 -15.28
C ILE A 246 -8.09 -0.54 -14.98
N LYS A 247 -8.51 0.24 -15.98
CA LYS A 247 -8.86 1.66 -15.79
C LYS A 247 -10.10 1.76 -14.91
N LYS A 248 -11.09 0.88 -15.10
CA LYS A 248 -12.30 0.89 -14.25
C LYS A 248 -12.02 0.44 -12.82
N VAL A 249 -11.13 -0.52 -12.63
CA VAL A 249 -10.71 -0.98 -11.27
C VAL A 249 -10.01 0.19 -10.55
N LEU A 250 -9.10 0.88 -11.23
CA LEU A 250 -8.38 2.08 -10.65
C LEU A 250 -9.40 3.13 -10.24
N LEU A 251 -10.38 3.42 -11.10
CA LEU A 251 -11.39 4.46 -10.73
C LEU A 251 -12.20 4.04 -9.50
N GLU A 252 -12.53 2.75 -9.38
CA GLU A 252 -13.22 2.20 -8.18
C GLU A 252 -12.33 2.43 -6.96
N MET A 253 -11.04 2.12 -7.06
CA MET A 253 -10.11 2.30 -5.91
C MET A 253 -9.98 3.79 -5.52
N ARG A 254 -10.04 4.70 -6.50
CA ARG A 254 -9.94 6.15 -6.26
C ARG A 254 -11.21 6.69 -5.60
N LYS A 255 -12.29 5.90 -5.50
CA LYS A 255 -13.42 6.33 -4.63
C LYS A 255 -13.00 6.33 -3.16
N PHE A 256 -11.93 5.56 -2.78
CA PHE A 256 -11.57 5.38 -1.35
C PHE A 256 -10.29 6.15 -0.92
N ARG A 257 -9.39 6.44 -1.84
CA ARG A 257 -8.23 7.32 -1.58
C ARG A 257 -7.84 8.07 -2.83
N MET A 258 -7.57 9.38 -2.69
CA MET A 258 -7.19 10.24 -3.84
C MET A 258 -5.85 9.84 -4.45
N GLY A 259 -5.69 10.07 -5.76
CA GLY A 259 -4.33 10.19 -6.36
C GLY A 259 -3.62 8.88 -6.66
N LEU A 260 -4.28 7.73 -6.47
CA LEU A 260 -3.65 6.39 -6.65
C LEU A 260 -3.14 6.27 -8.08
N ILE A 261 -1.85 5.97 -8.22
CA ILE A 261 -1.07 5.95 -9.47
C ILE A 261 -0.76 7.43 -9.81
N GLN A 262 0.49 7.82 -9.62
CA GLN A 262 0.91 9.26 -9.59
C GLN A 262 1.42 9.74 -10.95
N THR A 263 1.72 8.83 -11.89
CA THR A 263 2.36 9.19 -13.19
C THR A 263 1.85 8.27 -14.29
N ALA A 264 1.96 8.70 -15.56
CA ALA A 264 1.66 7.85 -16.73
C ALA A 264 2.60 6.62 -16.78
N ASP A 265 3.85 6.76 -16.35
CA ASP A 265 4.78 5.59 -16.27
C ASP A 265 4.31 4.55 -15.26
N GLN A 266 3.82 4.97 -14.08
CA GLN A 266 3.22 4.04 -13.08
C GLN A 266 1.98 3.33 -13.68
N LEU A 267 1.17 4.03 -14.47
CA LEU A 267 -0.01 3.39 -15.13
C LEU A 267 0.49 2.31 -16.10
N ARG A 268 1.44 2.64 -16.98
CA ARG A 268 2.00 1.65 -17.94
C ARG A 268 2.59 0.44 -17.21
N PHE A 269 3.36 0.67 -16.13
CA PHE A 269 3.97 -0.41 -15.35
C PHE A 269 2.87 -1.34 -14.76
N SER A 270 1.77 -0.77 -14.26
CA SER A 270 0.65 -1.55 -13.67
C SER A 270 0.08 -2.49 -14.76
N TYR A 271 -0.17 -1.97 -15.97
CA TYR A 271 -0.60 -2.83 -17.09
C TYR A 271 0.40 -3.95 -17.33
N LEU A 272 1.70 -3.61 -17.41
CA LEU A 272 2.74 -4.65 -17.67
C LEU A 272 2.69 -5.74 -16.60
N ALA A 273 2.61 -5.34 -15.32
CA ALA A 273 2.61 -6.31 -14.20
C ALA A 273 1.40 -7.27 -14.34
N VAL A 274 0.22 -6.74 -14.60
CA VAL A 274 -1.01 -7.58 -14.69
C VAL A 274 -0.91 -8.53 -15.89
N ILE A 275 -0.44 -8.02 -17.04
CA ILE A 275 -0.32 -8.85 -18.28
C ILE A 275 0.69 -9.99 -18.03
N GLU A 276 1.84 -9.68 -17.46
CA GLU A 276 2.87 -10.72 -17.19
C GLU A 276 2.40 -11.63 -16.05
N GLY A 277 1.70 -11.10 -15.04
CA GLY A 277 1.25 -11.98 -13.93
C GLY A 277 0.16 -12.96 -14.39
N ALA A 278 -0.70 -12.55 -15.32
CA ALA A 278 -1.83 -13.39 -15.80
C ALA A 278 -1.28 -14.69 -16.41
N LYS A 279 -0.07 -14.66 -16.98
CA LYS A 279 0.55 -15.88 -17.59
C LYS A 279 0.91 -16.90 -16.49
N PHE A 280 0.73 -16.62 -15.20
CA PHE A 280 0.67 -17.62 -14.09
C PHE A 280 -0.79 -17.98 -13.76
N ILE A 281 -1.63 -16.98 -13.41
CA ILE A 281 -3.08 -17.13 -13.02
C ILE A 281 -3.78 -18.10 -14.00
N MET A 282 -3.49 -18.04 -15.31
CA MET A 282 -4.22 -18.82 -16.34
C MET A 282 -3.51 -20.15 -16.62
N GLY A 283 -2.74 -20.67 -15.66
CA GLY A 283 -2.48 -22.12 -15.50
C GLY A 283 -1.03 -22.52 -15.74
N ASP A 284 -0.13 -21.56 -15.79
CA ASP A 284 1.28 -21.88 -16.13
C ASP A 284 2.08 -22.01 -14.81
C TRS B . -18.51 3.80 3.83
C1 TRS B . -17.59 4.50 2.81
C2 TRS B . -19.39 2.72 3.17
C3 TRS B . -19.37 4.80 4.54
N TRS B . -17.68 3.16 4.91
O1 TRS B . -16.34 3.80 2.68
O2 TRS B . -18.84 2.29 1.94
O3 TRS B . -18.58 5.86 5.21
H11 TRS B . -17.42 5.41 3.12
H12 TRS B . -18.04 4.56 1.95
H21 TRS B . -20.30 3.09 3.02
H22 TRS B . -19.47 1.95 3.77
H31 TRS B . -19.91 4.34 5.20
H32 TRS B . -19.97 5.22 3.89
HN1 TRS B . -18.04 3.31 5.74
HN2 TRS B . -16.84 3.50 4.91
HN3 TRS B . -17.61 2.27 4.80
HO1 TRS B . -15.77 4.24 2.11
HO2 TRS B . -19.04 1.73 1.52
HO3 TRS B . -17.81 5.56 5.43
C13 A1ABX C . -15.70 -2.32 -7.95
C15 A1ABX C . -18.00 -1.61 -8.13
C17 A1ABX C . -16.94 -2.82 -9.95
C01 A1ABX C . -17.38 -2.67 -13.59
C03 A1ABX C . -17.08 -3.43 -11.35
C04 A1ABX C . -16.04 -4.51 -11.61
C06 A1ABX C . -13.81 -3.78 -12.45
C07 A1ABX C . -13.39 -5.13 -13.11
C12 A1ABX C . -15.73 -2.92 -9.23
C14 A1ABX C . -16.82 -1.70 -7.40
C16 A1ABX C . -18.08 -2.18 -9.41
N05 A1ABX C . -14.71 -3.99 -11.32
O02 A1ABX C . -16.85 -2.41 -12.30
O08 A1ABX C . -13.82 -5.04 -14.44
O10 A1ABX C . -14.08 -4.92 -9.16
O11 A1ABX C . -13.22 -2.71 -9.68
S09 A1ABX C . -14.29 -3.64 -9.76
H131 A1ABX C . -14.78 -2.38 -7.36
H151 A1ABX C . -18.87 -1.11 -7.69
H012 A1ABX C . -17.46 -1.67 -14.05
H013 A1ABX C . -18.38 -3.12 -13.59
H011 A1ABX C . -16.71 -3.29 -14.20
H031 A1ABX C . -18.09 -3.92 -11.44
H042 A1ABX C . -16.12 -4.88 -12.65
H041 A1ABX C . -16.29 -5.39 -10.97
H061 A1ABX C . -12.92 -3.23 -12.13
H062 A1ABX C . -14.27 -3.11 -13.21
H072 A1ABX C . -12.28 -5.27 -13.07
H071 A1ABX C . -13.82 -5.99 -12.57
H141 A1ABX C . -16.75 -1.25 -6.40
H161 A1ABX C . -19.02 -2.11 -9.96
H081 A1ABX C . -14.37 -4.46 -14.36
#